data_1YNQ
#
_entry.id   1YNQ
#
_cell.length_a   75.122
_cell.length_b   87.543
_cell.length_c   105.434
_cell.angle_alpha   90.00
_cell.angle_beta   90.00
_cell.angle_gamma   90.00
#
_symmetry.space_group_name_H-M   'P 21 21 21'
#
loop_
_entity.id
_entity.type
_entity.pdbx_description
1 polymer oxidoreductase
2 branched beta-D-fructofuranose-(2-1)-alpha-D-glucopyranose
3 non-polymer 'SODIUM ION'
4 non-polymer 'SULFATE ION'
5 non-polymer 'NADPH DIHYDRO-NICOTINAMIDE-ADENINE-DINUCLEOTIDE PHOSPHATE'
6 non-polymer GLYCEROL
7 water water
#
_entity_poly.entity_id   1
_entity_poly.type   'polypeptide(L)'
_entity_poly.pdbx_seq_one_letter_code
;MGSSHHHHHHSSGLVPRGSHMKKRQLGTSDLHVSELGFGCMSLGTDETKARRIMDEVLELGINYLDTADLYNQGLNEQFV
GKALKGRRQDIILATKVGNRFEQGKEGWWWDPSKAYIKEAVKDSLRRLQTDYIDLYQLHGGTIDDPIDETIEAFEELKQE
GVIRYYGISSIRPNVIKEYLKRSNIVSIMMQYSILDRRPEEWFPLIQEHGVSVVVRGPVARGLLSRRPLPEGEGYLNYRY
DELKLLRESLPTDRPLHELALQYCLAHDVVATVAAGASSIDQVKANVQAVEATPLTAEERQHIQKLAKAAVYEQHRE
;
_entity_poly.pdbx_strand_id   A,B
#
# COMPACT_ATOMS: atom_id res chain seq x y z
N HIS A 20 12.68 9.65 30.15
CA HIS A 20 11.37 9.16 29.62
C HIS A 20 11.45 9.02 28.10
N MET A 21 12.71 9.48 27.41
CA MET A 21 12.86 9.23 25.97
C MET A 21 13.37 7.83 25.69
N LYS A 22 12.54 7.02 25.01
CA LYS A 22 12.90 5.65 24.67
C LYS A 22 13.81 5.66 23.43
N LYS A 23 14.52 4.56 23.23
CA LYS A 23 15.45 4.38 22.10
C LYS A 23 15.07 3.13 21.31
N ARG A 24 15.47 3.10 20.05
CA ARG A 24 15.30 1.96 19.19
C ARG A 24 16.63 1.66 18.51
N GLN A 25 16.89 0.39 18.26
CA GLN A 25 18.07 0.01 17.49
C GLN A 25 17.95 0.45 16.05
N LEU A 26 19.02 1.05 15.50
CA LEU A 26 19.01 1.43 14.09
C LEU A 26 19.45 0.24 13.24
N GLY A 27 18.50 -0.41 12.56
CA GLY A 27 18.84 -1.59 11.76
C GLY A 27 19.50 -2.66 12.63
N THR A 28 20.56 -3.30 12.12
CA THR A 28 21.29 -4.28 12.92
C THR A 28 22.54 -3.65 13.55
N SER A 29 22.64 -2.32 13.47
CA SER A 29 23.81 -1.59 14.01
C SER A 29 23.82 -1.57 15.54
N ASP A 30 24.92 -1.10 16.11
CA ASP A 30 24.95 -0.86 17.55
C ASP A 30 24.52 0.55 17.96
N LEU A 31 23.87 1.26 17.05
CA LEU A 31 23.36 2.58 17.38
C LEU A 31 21.96 2.47 17.95
N HIS A 32 21.79 2.93 19.19
CA HIS A 32 20.45 2.94 19.82
C HIS A 32 20.00 4.36 19.91
N VAL A 33 19.10 4.74 19.01
CA VAL A 33 18.75 6.13 18.79
C VAL A 33 17.48 6.49 19.53
N SER A 34 17.43 7.72 20.05
CA SER A 34 16.18 8.21 20.63
C SER A 34 15.07 8.21 19.58
N GLU A 35 13.84 7.92 20.01
CA GLU A 35 12.69 7.84 19.08
C GLU A 35 12.39 9.19 18.42
N LEU A 36 12.79 10.30 19.06
CA LEU A 36 12.81 11.60 18.43
C LEU A 36 14.26 11.97 18.16
N GLY A 37 14.58 12.33 16.92
CA GLY A 37 15.90 12.83 16.60
C GLY A 37 15.85 14.32 16.37
N PHE A 38 16.99 14.97 16.39
CA PHE A 38 17.04 16.41 16.19
C PHE A 38 17.77 16.76 14.90
N GLY A 39 17.20 17.69 14.13
CA GLY A 39 17.82 18.14 12.89
C GLY A 39 17.05 19.34 12.38
N CYS A 40 17.57 19.95 11.30
CA CYS A 40 16.90 21.00 10.54
C CYS A 40 16.60 22.23 11.39
N MET A 41 17.62 22.97 11.82
CA MET A 41 17.42 24.23 12.55
C MET A 41 18.45 25.26 12.19
N SER A 42 18.00 26.49 12.05
CA SER A 42 18.93 27.58 11.92
C SER A 42 19.21 27.92 13.37
N LEU A 43 20.16 27.20 13.97
CA LEU A 43 20.63 27.45 15.34
C LEU A 43 21.06 28.91 15.51
N GLY A 44 21.14 29.63 14.39
CA GLY A 44 21.37 31.06 14.43
C GLY A 44 22.79 31.54 14.33
N THR A 45 22.96 32.83 14.57
CA THR A 45 24.21 33.52 14.33
C THR A 45 25.05 33.63 15.61
N ASP A 46 24.37 33.47 16.75
CA ASP A 46 25.01 33.64 18.05
C ASP A 46 25.32 32.29 18.69
N GLU A 47 26.61 32.00 18.81
CA GLU A 47 27.12 30.74 19.39
C GLU A 47 26.55 30.42 20.78
N THR A 48 26.53 31.42 21.66
CA THR A 48 26.03 31.23 23.01
C THR A 48 24.59 30.68 22.99
N LYS A 49 23.73 31.30 22.18
CA LYS A 49 22.34 30.85 22.12
C LYS A 49 22.21 29.50 21.42
N ALA A 50 23.07 29.23 20.43
CA ALA A 50 23.06 27.93 19.75
C ALA A 50 23.41 26.81 20.74
N ARG A 51 24.40 27.07 21.61
CA ARG A 51 24.84 26.08 22.57
C ARG A 51 23.76 25.91 23.61
N ARG A 52 23.05 27.00 23.92
CA ARG A 52 21.91 26.94 24.83
C ARG A 52 20.82 26.01 24.29
N ILE A 53 20.47 26.20 23.02
CA ILE A 53 19.51 25.32 22.34
C ILE A 53 19.95 23.86 22.40
N MET A 54 21.21 23.60 22.04
CA MET A 54 21.67 22.22 22.06
C MET A 54 21.68 21.60 23.44
N ASP A 55 22.04 22.35 24.47
CA ASP A 55 22.02 21.81 25.81
C ASP A 55 20.61 21.35 26.17
N GLU A 56 19.61 22.13 25.76
CA GLU A 56 18.22 21.77 26.06
C GLU A 56 17.72 20.55 25.29
N VAL A 57 18.10 20.47 24.02
CA VAL A 57 17.83 19.26 23.23
C VAL A 57 18.37 18.01 23.92
N LEU A 58 19.65 18.05 24.34
CA LEU A 58 20.24 16.87 24.94
C LEU A 58 19.64 16.57 26.33
N GLU A 59 19.30 17.62 27.08
CA GLU A 59 18.66 17.45 28.38
C GLU A 59 17.33 16.70 28.29
N LEU A 60 16.65 16.83 27.13
CA LEU A 60 15.37 16.18 26.93
C LEU A 60 15.52 14.70 26.58
N GLY A 61 16.77 14.24 26.45
CA GLY A 61 17.01 12.82 26.20
C GLY A 61 17.14 12.44 24.73
N ILE A 62 17.15 13.46 23.86
CA ILE A 62 17.40 13.24 22.44
C ILE A 62 18.90 12.94 22.32
N ASN A 63 19.28 11.84 21.67
CA ASN A 63 20.72 11.51 21.56
C ASN A 63 21.13 11.37 20.10
N TYR A 64 20.23 11.69 19.15
CA TYR A 64 20.48 11.47 17.74
C TYR A 64 20.40 12.83 17.04
N LEU A 65 21.56 13.27 16.54
CA LEU A 65 21.66 14.58 15.87
C LEU A 65 22.03 14.35 14.42
N ASP A 66 21.15 14.76 13.51
CA ASP A 66 21.46 14.67 12.09
C ASP A 66 21.74 16.06 11.56
N THR A 67 22.98 16.29 11.12
CA THR A 67 23.36 17.60 10.63
C THR A 67 22.97 17.82 9.18
N ALA A 68 22.55 16.77 8.48
CA ALA A 68 22.20 16.91 7.05
C ALA A 68 21.01 17.80 6.84
N ASP A 69 21.01 18.50 5.70
CA ASP A 69 19.83 19.27 5.30
C ASP A 69 18.59 18.37 5.20
N LEU A 70 17.53 18.78 5.88
CA LEU A 70 16.19 18.22 5.73
C LEU A 70 15.31 19.37 5.29
N TYR A 71 14.58 19.24 4.18
CA TYR A 71 13.72 20.33 3.70
C TYR A 71 14.55 21.61 3.67
N ASN A 72 15.79 21.47 3.18
CA ASN A 72 16.66 22.65 2.92
C ASN A 72 17.13 23.39 4.18
N GLN A 73 17.06 22.74 5.33
CA GLN A 73 17.73 23.28 6.50
C GLN A 73 18.49 22.17 7.23
N GLY A 74 19.78 22.41 7.50
CA GLY A 74 20.60 21.47 8.26
C GLY A 74 20.93 22.03 9.63
N LEU A 75 21.98 21.49 10.26
CA LEU A 75 22.46 22.04 11.52
C LEU A 75 23.88 22.55 11.32
N ASN A 76 24.19 23.74 11.86
CA ASN A 76 25.55 24.33 11.80
C ASN A 76 26.54 23.39 12.49
N GLU A 77 27.43 22.79 11.70
CA GLU A 77 28.36 21.79 12.23
C GLU A 77 29.37 22.36 13.20
N GLN A 78 29.78 23.63 13.01
CA GLN A 78 30.71 24.24 13.97
C GLN A 78 30.03 24.35 15.32
N PHE A 79 28.78 24.79 15.34
CA PHE A 79 28.06 24.89 16.61
C PHE A 79 27.76 23.54 17.26
N VAL A 80 27.31 22.57 16.46
CA VAL A 80 27.09 21.23 16.99
C VAL A 80 28.39 20.67 17.56
N GLY A 81 29.50 20.89 16.86
CA GLY A 81 30.82 20.41 17.35
C GLY A 81 31.11 20.93 18.74
N LYS A 82 30.87 22.21 18.95
CA LYS A 82 31.12 22.83 20.25
C LYS A 82 30.13 22.32 21.31
N ALA A 83 28.90 22.01 20.91
CA ALA A 83 27.95 21.44 21.85
C ALA A 83 28.33 20.01 22.29
N LEU A 84 29.03 19.24 21.44
CA LEU A 84 29.41 17.83 21.70
C LEU A 84 30.54 17.75 22.76
N LYS A 85 31.22 18.86 23.02
CA LYS A 85 32.46 18.88 23.85
C LYS A 85 32.21 18.24 25.18
N GLY A 86 32.97 17.18 25.46
CA GLY A 86 32.88 16.50 26.74
C GLY A 86 31.84 15.40 26.81
N ARG A 87 31.06 15.21 25.74
CA ARG A 87 29.98 14.22 25.80
C ARG A 87 29.79 13.49 24.47
N ARG A 88 30.80 13.49 23.62
CA ARG A 88 30.59 12.97 22.28
C ARG A 88 30.26 11.48 22.28
N GLN A 89 30.77 10.75 23.26
CA GLN A 89 30.59 9.31 23.30
C GLN A 89 29.14 8.95 23.53
N ASP A 90 28.35 9.88 24.04
CA ASP A 90 26.96 9.63 24.39
C ASP A 90 25.96 10.14 23.38
N ILE A 91 26.48 10.60 22.23
CA ILE A 91 25.64 11.22 21.21
C ILE A 91 25.88 10.41 19.92
N ILE A 92 24.80 10.19 19.15
CA ILE A 92 24.89 9.56 17.86
C ILE A 92 24.76 10.64 16.81
N LEU A 93 25.85 10.80 16.05
CA LEU A 93 25.97 11.88 15.10
C LEU A 93 25.84 11.36 13.69
N ALA A 94 24.91 11.95 12.92
CA ALA A 94 24.70 11.60 11.51
C ALA A 94 24.96 12.79 10.61
N THR A 95 25.53 12.53 9.43
CA THR A 95 25.81 13.60 8.44
C THR A 95 25.52 13.00 7.07
N LYS A 96 25.59 13.84 6.04
CA LYS A 96 25.34 13.37 4.69
C LYS A 96 26.52 13.64 3.78
N VAL A 97 26.46 12.97 2.63
CA VAL A 97 27.21 13.30 1.43
C VAL A 97 26.26 13.25 0.21
N TRP A 108 28.79 24.39 -5.79
CA TRP A 108 29.01 22.98 -5.47
C TRP A 108 29.08 22.16 -6.74
N TRP A 109 29.95 21.16 -6.73
CA TRP A 109 30.22 20.35 -7.91
C TRP A 109 29.89 18.87 -7.67
N TRP A 110 28.91 18.37 -8.42
CA TRP A 110 28.51 16.96 -8.35
C TRP A 110 29.60 16.10 -8.95
N ASP A 111 30.09 15.17 -8.12
CA ASP A 111 31.22 14.32 -8.45
C ASP A 111 30.93 13.02 -7.72
N PRO A 112 30.47 12.00 -8.45
CA PRO A 112 29.91 10.85 -7.77
C PRO A 112 30.93 9.74 -7.45
N SER A 113 32.21 10.11 -7.29
CA SER A 113 33.30 9.17 -7.11
C SER A 113 33.58 8.72 -5.66
N LYS A 114 34.32 7.63 -5.54
CA LYS A 114 34.86 7.20 -4.26
C LYS A 114 35.64 8.32 -3.55
N ALA A 115 36.49 9.01 -4.30
CA ALA A 115 37.37 10.01 -3.72
C ALA A 115 36.53 11.11 -3.12
N TYR A 116 35.45 11.48 -3.80
CA TYR A 116 34.60 12.51 -3.29
C TYR A 116 33.97 12.13 -1.96
N ILE A 117 33.36 10.94 -1.88
CA ILE A 117 32.73 10.45 -0.65
C ILE A 117 33.72 10.45 0.51
N LYS A 118 34.96 10.06 0.25
CA LYS A 118 35.98 9.96 1.30
C LYS A 118 36.46 11.32 1.75
N GLU A 119 36.61 12.26 0.81
CA GLU A 119 37.00 13.63 1.14
C GLU A 119 35.92 14.47 1.85
N ALA A 120 34.64 14.25 1.51
CA ALA A 120 33.55 15.02 2.08
C ALA A 120 33.43 14.82 3.59
N VAL A 121 33.53 13.57 4.00
CA VAL A 121 33.44 13.29 5.46
C VAL A 121 34.57 13.95 6.28
N LYS A 122 35.77 14.04 5.70
CA LYS A 122 36.86 14.80 6.36
C LYS A 122 36.48 16.25 6.74
N ASP A 123 35.77 16.96 5.84
CA ASP A 123 35.28 18.31 6.12
C ASP A 123 34.31 18.39 7.29
N SER A 124 33.35 17.46 7.34
CA SER A 124 32.42 17.46 8.46
C SER A 124 33.19 17.17 9.74
N LEU A 125 34.10 16.19 9.72
CA LEU A 125 34.83 15.83 10.93
C LEU A 125 35.63 17.03 11.45
N ARG A 126 36.21 17.80 10.53
CA ARG A 126 37.00 18.97 10.95
C ARG A 126 36.08 20.01 11.61
N ARG A 127 34.96 20.30 10.97
CA ARG A 127 34.02 21.28 11.53
C ARG A 127 33.45 20.83 12.85
N LEU A 128 33.12 19.54 12.96
CA LEU A 128 32.54 18.95 14.17
C LEU A 128 33.54 18.70 15.29
N GLN A 129 34.83 18.81 14.97
CA GLN A 129 35.92 18.56 15.93
C GLN A 129 35.78 17.21 16.58
N THR A 130 35.54 16.20 15.74
CA THR A 130 35.54 14.83 16.22
C THR A 130 36.23 13.95 15.21
N ASP A 131 36.50 12.72 15.60
CA ASP A 131 37.23 11.86 14.67
C ASP A 131 36.46 10.71 14.06
N TYR A 132 35.16 10.58 14.37
CA TYR A 132 34.32 9.62 13.64
C TYR A 132 32.92 10.19 13.59
N ILE A 133 32.19 9.72 12.57
CA ILE A 133 30.74 9.93 12.41
C ILE A 133 30.03 8.63 12.69
N ASP A 134 28.94 8.66 13.45
CA ASP A 134 28.22 7.41 13.70
C ASP A 134 27.50 6.86 12.47
N LEU A 135 26.81 7.77 11.76
CA LEU A 135 26.01 7.34 10.61
C LEU A 135 26.24 8.32 9.45
N TYR A 136 26.83 7.82 8.36
CA TYR A 136 27.13 8.64 7.18
C TYR A 136 26.15 8.26 6.08
N GLN A 137 25.41 9.25 5.58
CA GLN A 137 24.29 8.96 4.72
C GLN A 137 24.41 9.52 3.31
N LEU A 138 24.10 8.71 2.30
CA LEU A 138 24.10 9.16 0.91
C LEU A 138 22.78 9.85 0.58
N HIS A 139 22.84 11.10 0.11
CA HIS A 139 21.70 11.82 -0.46
C HIS A 139 21.86 11.92 -1.98
N GLY A 140 20.76 12.00 -2.71
CA GLY A 140 20.81 12.23 -4.17
C GLY A 140 21.17 11.00 -4.98
N GLY A 141 21.15 9.81 -4.39
CA GLY A 141 21.43 8.60 -5.14
C GLY A 141 20.44 8.29 -6.23
N THR A 142 20.97 7.76 -7.34
CA THR A 142 20.12 7.27 -8.43
C THR A 142 20.64 5.93 -8.87
N ILE A 143 19.82 5.18 -9.62
CA ILE A 143 20.31 3.88 -10.10
C ILE A 143 21.36 3.97 -11.18
N ASP A 144 21.56 5.17 -11.73
CA ASP A 144 22.61 5.37 -12.76
C ASP A 144 23.97 5.72 -12.15
N ASP A 145 24.03 5.87 -10.84
CA ASP A 145 25.28 6.16 -10.13
C ASP A 145 26.19 4.93 -10.17
N PRO A 146 27.50 5.14 -9.88
CA PRO A 146 28.42 4.01 -9.80
C PRO A 146 28.24 3.34 -8.43
N ILE A 147 27.38 2.32 -8.40
CA ILE A 147 26.89 1.78 -7.13
C ILE A 147 28.00 1.01 -6.41
N ASP A 148 28.72 0.13 -7.09
CA ASP A 148 29.86 -0.56 -6.46
C ASP A 148 30.91 0.44 -5.94
N GLU A 149 31.24 1.47 -6.70
CA GLU A 149 32.22 2.46 -6.22
C GLU A 149 31.75 3.14 -4.94
N THR A 150 30.48 3.49 -4.91
CA THR A 150 29.89 4.17 -3.75
C THR A 150 29.95 3.27 -2.53
N ILE A 151 29.49 2.03 -2.69
CA ILE A 151 29.47 1.04 -1.58
C ILE A 151 30.90 0.83 -1.09
N GLU A 152 31.86 0.69 -2.01
CA GLU A 152 33.24 0.49 -1.61
C GLU A 152 33.75 1.68 -0.81
N ALA A 153 33.42 2.91 -1.21
CA ALA A 153 33.87 4.11 -0.47
C ALA A 153 33.35 4.04 0.97
N PHE A 154 32.06 3.74 1.14
CA PHE A 154 31.50 3.63 2.49
C PHE A 154 32.15 2.48 3.27
N GLU A 155 32.36 1.33 2.63
CA GLU A 155 32.96 0.20 3.34
C GLU A 155 34.38 0.49 3.75
N GLU A 156 35.12 1.18 2.90
CA GLU A 156 36.50 1.55 3.27
C GLU A 156 36.51 2.52 4.46
N LEU A 157 35.67 3.56 4.43
CA LEU A 157 35.57 4.48 5.56
C LEU A 157 35.17 3.72 6.83
N LYS A 158 34.27 2.76 6.71
CA LYS A 158 33.79 2.02 7.88
C LYS A 158 34.96 1.15 8.41
N GLN A 159 35.66 0.46 7.54
CA GLN A 159 36.77 -0.40 7.99
C GLN A 159 37.86 0.41 8.69
N GLU A 160 38.12 1.62 8.20
CA GLU A 160 39.10 2.51 8.80
C GLU A 160 38.61 3.22 10.06
N GLY A 161 37.31 3.10 10.36
CA GLY A 161 36.74 3.72 11.56
C GLY A 161 36.41 5.19 11.46
N VAL A 162 36.49 5.76 10.24
CA VAL A 162 36.12 7.15 10.04
C VAL A 162 34.58 7.30 10.27
N ILE A 163 33.87 6.26 9.88
CA ILE A 163 32.45 6.14 10.15
C ILE A 163 32.18 4.83 10.86
N ARG A 164 31.10 4.75 11.64
CA ARG A 164 30.69 3.46 12.20
C ARG A 164 29.73 2.71 11.29
N TYR A 165 28.78 3.44 10.68
CA TYR A 165 27.77 2.81 9.82
C TYR A 165 27.41 3.78 8.71
N TYR A 166 26.72 3.29 7.69
CA TYR A 166 26.26 4.14 6.62
C TYR A 166 24.82 3.80 6.28
N GLY A 167 24.19 4.73 5.58
CA GLY A 167 22.77 4.60 5.22
C GLY A 167 22.51 5.47 4.01
N ILE A 168 21.25 5.52 3.58
CA ILE A 168 20.87 6.40 2.47
C ILE A 168 19.68 7.24 2.88
N SER A 169 19.49 8.33 2.16
CA SER A 169 18.23 9.10 2.21
C SER A 169 17.59 8.96 0.83
N SER A 170 16.44 8.31 0.72
CA SER A 170 15.88 8.03 -0.61
C SER A 170 14.41 7.72 -0.52
N ILE A 171 13.66 8.22 -1.49
CA ILE A 171 12.28 7.77 -1.69
C ILE A 171 12.13 7.08 -3.04
N ARG A 172 13.26 6.58 -3.60
CA ARG A 172 13.25 5.87 -4.87
C ARG A 172 13.35 4.38 -4.62
N PRO A 173 12.26 3.63 -4.91
CA PRO A 173 12.39 2.19 -4.69
C PRO A 173 13.52 1.51 -5.45
N ASN A 174 13.85 1.97 -6.66
CA ASN A 174 14.92 1.29 -7.38
C ASN A 174 16.27 1.45 -6.67
N VAL A 175 16.55 2.64 -6.14
CA VAL A 175 17.73 2.88 -5.31
C VAL A 175 17.72 2.05 -4.03
N ILE A 176 16.58 2.09 -3.33
CA ILE A 176 16.45 1.31 -2.11
C ILE A 176 16.72 -0.18 -2.35
N LYS A 177 16.11 -0.75 -3.39
CA LYS A 177 16.31 -2.18 -3.66
C LYS A 177 17.75 -2.49 -3.97
N GLU A 178 18.43 -1.62 -4.73
CA GLU A 178 19.84 -1.86 -5.03
C GLU A 178 20.71 -1.85 -3.77
N TYR A 179 20.53 -0.87 -2.88
CA TYR A 179 21.37 -0.81 -1.70
C TYR A 179 21.01 -1.90 -0.69
N LEU A 180 19.75 -2.31 -0.63
CA LEU A 180 19.40 -3.44 0.26
C LEU A 180 20.08 -4.73 -0.22
N LYS A 181 20.12 -4.93 -1.54
CA LYS A 181 20.65 -6.19 -2.08
C LYS A 181 22.19 -6.21 -2.03
N ARG A 182 22.83 -5.06 -2.25
CA ARG A 182 24.27 -5.01 -2.54
C ARG A 182 25.15 -4.41 -1.45
N SER A 183 24.54 -3.81 -0.42
CA SER A 183 25.33 -3.07 0.55
C SER A 183 24.96 -3.44 1.98
N ASN A 184 25.69 -2.83 2.91
CA ASN A 184 25.39 -3.00 4.34
C ASN A 184 24.82 -1.73 4.95
N ILE A 185 23.98 -1.01 4.19
CA ILE A 185 23.30 0.11 4.84
C ILE A 185 22.50 -0.40 6.05
N VAL A 186 22.37 0.48 7.03
CA VAL A 186 21.54 0.16 8.22
C VAL A 186 20.26 0.99 8.30
N SER A 187 20.16 2.03 7.47
CA SER A 187 19.04 2.97 7.59
C SER A 187 18.72 3.59 6.25
N ILE A 188 17.42 3.89 6.08
CA ILE A 188 16.92 4.66 4.95
C ILE A 188 16.07 5.78 5.50
N MET A 189 16.48 7.01 5.19
CA MET A 189 15.65 8.17 5.56
C MET A 189 14.59 8.39 4.49
N MET A 190 13.32 8.49 4.91
CA MET A 190 12.20 8.62 3.98
C MET A 190 11.24 9.65 4.53
N GLN A 191 10.61 10.43 3.64
CA GLN A 191 9.46 11.21 4.03
C GLN A 191 8.30 10.28 4.33
N TYR A 192 7.68 10.41 5.48
CA TYR A 192 6.63 9.49 5.89
C TYR A 192 5.69 10.17 6.89
N SER A 193 4.39 10.06 6.63
CA SER A 193 3.41 10.58 7.60
C SER A 193 2.07 9.93 7.31
N ILE A 194 1.05 10.26 8.12
CA ILE A 194 -0.30 9.85 7.77
C ILE A 194 -0.66 10.22 6.35
N LEU A 195 -0.22 11.40 5.89
CA LEU A 195 -0.60 11.92 4.56
C LEU A 195 0.31 11.42 3.43
N ASP A 196 1.47 10.83 3.75
CA ASP A 196 2.36 10.23 2.73
C ASP A 196 2.74 8.83 3.17
N ARG A 197 1.93 7.86 2.79
CA ARG A 197 2.11 6.49 3.22
C ARG A 197 2.83 5.69 2.13
N ARG A 198 3.37 6.37 1.12
CA ARG A 198 4.11 5.67 0.05
C ARG A 198 5.23 4.77 0.58
N PRO A 199 5.94 5.15 1.65
CA PRO A 199 6.97 4.24 2.15
C PRO A 199 6.48 2.85 2.58
N GLU A 200 5.21 2.76 3.03
CA GLU A 200 4.76 1.55 3.68
C GLU A 200 4.85 0.36 2.76
N GLU A 201 4.68 0.56 1.46
CA GLU A 201 4.82 -0.54 0.50
C GLU A 201 6.13 -1.27 0.70
N TRP A 202 7.16 -0.53 1.08
CA TRP A 202 8.52 -1.07 1.11
C TRP A 202 8.95 -1.54 2.50
N PHE A 203 8.11 -1.31 3.52
CA PHE A 203 8.50 -1.68 4.87
C PHE A 203 8.82 -3.18 5.03
N PRO A 204 8.01 -4.10 4.47
CA PRO A 204 8.36 -5.51 4.70
C PRO A 204 9.74 -5.85 4.12
N LEU A 205 10.06 -5.35 2.93
CA LEU A 205 11.36 -5.63 2.34
C LEU A 205 12.50 -5.02 3.19
N ILE A 206 12.32 -3.78 3.64
CA ILE A 206 13.33 -3.12 4.44
C ILE A 206 13.57 -3.90 5.73
N GLN A 207 12.47 -4.28 6.38
CA GLN A 207 12.56 -5.01 7.66
C GLN A 207 13.16 -6.39 7.50
N GLU A 208 12.85 -7.07 6.41
CA GLU A 208 13.42 -8.40 6.15
C GLU A 208 14.96 -8.32 6.01
N HIS A 209 15.47 -7.19 5.56
CA HIS A 209 16.91 -6.97 5.44
C HIS A 209 17.53 -6.46 6.72
N GLY A 210 16.73 -6.32 7.78
CA GLY A 210 17.29 -5.85 9.07
C GLY A 210 17.63 -4.37 9.07
N VAL A 211 17.01 -3.59 8.17
CA VAL A 211 17.29 -2.16 8.03
C VAL A 211 16.17 -1.36 8.67
N SER A 212 16.46 -0.17 9.18
CA SER A 212 15.42 0.72 9.73
C SER A 212 15.15 1.93 8.86
N VAL A 213 13.97 2.52 9.05
CA VAL A 213 13.63 3.79 8.44
C VAL A 213 13.82 4.90 9.48
N VAL A 214 14.39 6.00 9.01
CA VAL A 214 14.42 7.29 9.77
C VAL A 214 13.42 8.22 9.06
N VAL A 215 12.49 8.77 9.83
CA VAL A 215 11.42 9.51 9.22
C VAL A 215 11.71 11.00 9.14
N ARG A 216 11.50 11.62 7.97
CA ARG A 216 11.38 13.07 7.86
C ARG A 216 9.91 13.42 7.51
N GLY A 217 9.52 14.66 7.80
CA GLY A 217 8.18 15.11 7.44
C GLY A 217 7.03 14.40 8.16
N PRO A 218 7.20 14.02 9.45
CA PRO A 218 6.15 13.23 10.12
C PRO A 218 4.87 14.02 10.36
N VAL A 219 4.97 15.34 10.40
CA VAL A 219 3.79 16.18 10.58
C VAL A 219 3.37 16.80 9.24
N ALA A 220 3.92 16.25 8.15
CA ALA A 220 3.60 16.74 6.82
C ALA A 220 3.78 18.25 6.70
N ARG A 221 4.92 18.75 7.22
CA ARG A 221 5.29 20.15 7.05
C ARG A 221 4.21 21.08 7.60
N GLY A 222 3.57 20.66 8.66
CA GLY A 222 2.53 21.43 9.32
C GLY A 222 1.11 21.10 8.93
N LEU A 223 0.91 20.22 7.96
CA LEU A 223 -0.47 19.93 7.58
C LEU A 223 -1.15 19.03 8.64
N LEU A 224 -0.39 18.36 9.50
CA LEU A 224 -0.96 17.57 10.59
C LEU A 224 -0.74 18.24 11.95
N SER A 225 -1.00 19.53 12.02
CA SER A 225 -0.81 20.29 13.25
C SER A 225 -1.99 21.19 13.44
N ARG A 226 -1.78 22.24 14.23
CA ARG A 226 -2.79 23.28 14.48
C ARG A 226 -2.86 24.37 13.42
N ARG A 227 -1.83 24.46 12.56
CA ARG A 227 -1.79 25.52 11.55
C ARG A 227 -2.93 25.33 10.60
N PRO A 228 -3.44 26.43 10.02
CA PRO A 228 -4.51 26.29 9.05
C PRO A 228 -4.04 25.49 7.81
N LEU A 229 -4.96 24.72 7.24
CA LEU A 229 -4.78 24.18 5.91
C LEU A 229 -4.96 25.38 4.99
N PRO A 230 -3.91 25.72 4.22
CA PRO A 230 -4.07 26.88 3.31
C PRO A 230 -5.21 26.62 2.32
N GLU A 231 -6.09 27.59 2.14
CA GLU A 231 -7.31 27.31 1.39
C GLU A 231 -6.98 26.96 -0.06
N GLY A 232 -7.66 25.94 -0.58
CA GLY A 232 -7.48 25.54 -1.96
C GLY A 232 -6.27 24.64 -2.22
N GLU A 233 -5.33 24.55 -1.28
CA GLU A 233 -4.09 23.81 -1.56
C GLU A 233 -4.25 22.36 -1.12
N GLY A 234 -3.57 21.46 -1.82
CA GLY A 234 -3.59 20.03 -1.53
C GLY A 234 -2.27 19.58 -0.91
N TYR A 235 -2.07 18.27 -0.98
CA TYR A 235 -0.83 17.65 -0.51
C TYR A 235 -0.78 16.31 -1.18
N LEU A 236 0.20 16.14 -2.07
CA LEU A 236 0.32 14.89 -2.81
C LEU A 236 -1.01 14.58 -3.49
N ASN A 237 -1.58 13.38 -3.29
CA ASN A 237 -2.83 13.05 -3.96
C ASN A 237 -4.09 13.43 -3.18
N TYR A 238 -3.94 14.29 -2.16
CA TYR A 238 -5.07 14.91 -1.47
C TYR A 238 -5.40 16.26 -2.06
N ARG A 239 -6.69 16.48 -2.35
CA ARG A 239 -7.17 17.81 -2.58
C ARG A 239 -7.49 18.49 -1.23
N TYR A 240 -7.61 19.81 -1.23
CA TYR A 240 -7.98 20.59 -0.06
C TYR A 240 -9.19 19.99 0.71
N ASP A 241 -10.27 19.71 -0.01
CA ASP A 241 -11.47 19.21 0.66
C ASP A 241 -11.22 17.87 1.35
N GLU A 242 -10.38 17.03 0.74
CA GLU A 242 -10.02 15.74 1.33
C GLU A 242 -9.12 15.89 2.55
N LEU A 243 -8.23 16.90 2.55
CA LEU A 243 -7.42 17.16 3.75
C LEU A 243 -8.32 17.63 4.89
N LYS A 244 -9.27 18.50 4.56
CA LYS A 244 -10.20 19.00 5.58
C LYS A 244 -10.99 17.83 6.17
N LEU A 245 -11.56 16.99 5.30
CA LEU A 245 -12.36 15.88 5.76
C LEU A 245 -11.53 14.92 6.61
N LEU A 246 -10.30 14.67 6.19
CA LEU A 246 -9.47 13.74 6.94
C LEU A 246 -9.10 14.29 8.32
N ARG A 247 -8.81 15.59 8.42
CA ARG A 247 -8.44 16.16 9.74
C ARG A 247 -9.61 15.92 10.68
N GLU A 248 -10.79 16.13 10.15
CA GLU A 248 -12.00 16.02 10.95
C GLU A 248 -12.40 14.57 11.30
N SER A 249 -12.10 13.61 10.41
CA SER A 249 -12.50 12.21 10.61
C SER A 249 -11.49 11.38 11.43
N LEU A 250 -10.22 11.81 11.45
CA LEU A 250 -9.23 11.15 12.27
C LEU A 250 -9.62 11.19 13.74
N PRO A 251 -9.14 10.22 14.56
CA PRO A 251 -9.46 10.25 16.00
C PRO A 251 -9.16 11.59 16.62
N THR A 252 -10.03 12.03 17.55
CA THR A 252 -9.85 13.34 18.15
C THR A 252 -9.50 13.26 19.62
N ASP A 253 -9.24 12.07 20.15
CA ASP A 253 -8.87 11.95 21.57
C ASP A 253 -7.40 12.24 21.86
N ARG A 254 -6.62 12.43 20.81
CA ARG A 254 -5.23 12.91 20.90
C ARG A 254 -5.12 14.14 20.01
N PRO A 255 -4.22 15.07 20.37
CA PRO A 255 -3.95 16.16 19.45
C PRO A 255 -3.44 15.55 18.11
N LEU A 256 -3.76 16.23 17.01
CA LEU A 256 -3.39 15.74 15.68
C LEU A 256 -1.87 15.52 15.54
N HIS A 257 -1.10 16.43 16.10
CA HIS A 257 0.33 16.35 16.04
C HIS A 257 0.86 15.05 16.71
N GLU A 258 0.27 14.70 17.86
CA GLU A 258 0.62 13.48 18.56
C GLU A 258 0.17 12.24 17.77
N LEU A 259 -1.05 12.26 17.24
CA LEU A 259 -1.52 11.17 16.42
C LEU A 259 -0.51 10.94 15.27
N ALA A 260 -0.05 12.01 14.64
CA ALA A 260 0.88 11.92 13.50
C ALA A 260 2.18 11.24 13.90
N LEU A 261 2.80 11.73 14.99
CA LEU A 261 4.07 11.14 15.42
C LEU A 261 3.93 9.70 15.87
N GLN A 262 2.85 9.42 16.63
CA GLN A 262 2.62 8.06 17.06
C GLN A 262 2.27 7.09 15.92
N TYR A 263 1.61 7.60 14.87
CA TYR A 263 1.35 6.72 13.73
C TYR A 263 2.67 6.28 13.09
N CYS A 264 3.59 7.24 12.90
CA CYS A 264 4.92 6.85 12.37
C CYS A 264 5.59 5.79 13.26
N LEU A 265 5.59 6.07 14.56
CA LEU A 265 6.29 5.18 15.49
C LEU A 265 5.66 3.81 15.67
N ALA A 266 4.38 3.68 15.30
CA ALA A 266 3.65 2.42 15.42
C ALA A 266 4.18 1.33 14.49
N HIS A 267 5.13 1.66 13.64
CA HIS A 267 5.72 0.73 12.69
C HIS A 267 7.11 0.35 13.21
N ASP A 268 7.33 -0.94 13.44
CA ASP A 268 8.59 -1.39 14.05
C ASP A 268 9.80 -1.04 13.20
N VAL A 269 9.61 -0.91 11.88
CA VAL A 269 10.73 -0.57 11.00
C VAL A 269 11.27 0.83 11.30
N VAL A 270 10.45 1.72 11.87
CA VAL A 270 10.86 3.12 12.14
C VAL A 270 11.71 3.14 13.40
N ALA A 271 12.96 3.57 13.29
CA ALA A 271 13.82 3.71 14.47
C ALA A 271 13.70 5.08 15.13
N THR A 272 13.52 6.15 14.36
CA THR A 272 13.46 7.49 14.90
C THR A 272 12.72 8.40 13.91
N VAL A 273 12.16 9.50 14.43
CA VAL A 273 11.48 10.53 13.66
C VAL A 273 12.18 11.85 13.85
N ALA A 274 12.47 12.52 12.75
CA ALA A 274 13.07 13.86 12.79
C ALA A 274 12.02 14.88 12.47
N ALA A 275 11.31 15.32 13.50
CA ALA A 275 10.25 16.29 13.33
C ALA A 275 10.87 17.67 13.26
N GLY A 276 10.32 18.55 12.43
CA GLY A 276 10.79 19.94 12.32
C GLY A 276 10.50 20.77 13.57
N ALA A 277 11.40 21.70 13.86
CA ALA A 277 11.19 22.67 14.93
C ALA A 277 11.92 23.98 14.65
N SER A 278 11.31 25.10 15.07
CA SER A 278 11.85 26.49 14.98
C SER A 278 12.01 27.09 16.36
N SER A 279 11.96 26.30 17.39
CA SER A 279 12.19 26.85 18.74
C SER A 279 12.33 25.71 19.69
N ILE A 280 12.90 26.00 20.86
CA ILE A 280 12.93 25.03 21.95
C ILE A 280 11.53 24.59 22.37
N ASP A 281 10.58 25.51 22.39
CA ASP A 281 9.22 25.14 22.75
C ASP A 281 8.68 24.07 21.78
N GLN A 282 8.98 24.24 20.49
CA GLN A 282 8.52 23.24 19.50
C GLN A 282 9.24 21.88 19.69
N VAL A 283 10.53 21.90 20.04
CA VAL A 283 11.24 20.65 20.38
C VAL A 283 10.55 19.98 21.57
N LYS A 284 10.28 20.76 22.60
CA LYS A 284 9.60 20.23 23.78
C LYS A 284 8.24 19.64 23.43
N ALA A 285 7.49 20.28 22.54
CA ALA A 285 6.18 19.75 22.11
C ALA A 285 6.37 18.42 21.35
N ASN A 286 7.41 18.33 20.54
CA ASN A 286 7.68 17.08 19.84
C ASN A 286 8.06 15.96 20.80
N VAL A 287 8.87 16.31 21.80
CA VAL A 287 9.25 15.34 22.81
C VAL A 287 8.02 14.82 23.58
N GLN A 288 7.15 15.74 23.99
CA GLN A 288 5.95 15.33 24.74
C GLN A 288 5.08 14.40 23.88
N ALA A 289 4.97 14.69 22.60
CA ALA A 289 4.14 13.87 21.73
C ALA A 289 4.72 12.49 21.51
N VAL A 290 6.04 12.42 21.31
CA VAL A 290 6.68 11.12 21.14
C VAL A 290 6.62 10.26 22.41
N GLU A 291 6.66 10.89 23.57
CA GLU A 291 6.65 10.18 24.84
C GLU A 291 5.24 9.78 25.30
N ALA A 292 4.23 10.14 24.53
CA ALA A 292 2.86 9.74 24.81
C ALA A 292 2.66 8.24 24.60
N THR A 293 1.49 7.74 24.98
CA THR A 293 1.19 6.31 24.85
C THR A 293 1.21 5.89 23.38
N PRO A 294 1.79 4.73 23.08
CA PRO A 294 1.76 4.27 21.68
C PRO A 294 0.35 4.03 21.19
N LEU A 295 0.16 4.10 19.87
CA LEU A 295 -1.13 3.74 19.32
C LEU A 295 -1.47 2.31 19.66
N THR A 296 -2.75 2.08 19.95
CA THR A 296 -3.27 0.73 20.03
C THR A 296 -3.51 0.17 18.62
N ALA A 297 -4.16 -0.98 18.57
CA ALA A 297 -4.68 -1.55 17.33
C ALA A 297 -5.89 -0.79 16.77
N GLU A 298 -6.88 -0.47 17.61
CA GLU A 298 -8.05 0.26 17.10
C GLU A 298 -7.64 1.59 16.47
N GLU A 299 -6.67 2.25 17.10
CA GLU A 299 -6.19 3.52 16.61
C GLU A 299 -5.46 3.37 15.28
N ARG A 300 -4.49 2.45 15.23
CA ARG A 300 -3.69 2.33 13.99
C ARG A 300 -4.58 1.88 12.82
N GLN A 301 -5.46 0.90 13.05
CA GLN A 301 -6.42 0.49 12.02
C GLN A 301 -7.37 1.56 11.53
N HIS A 302 -7.91 2.38 12.42
CA HIS A 302 -8.80 3.47 12.06
C HIS A 302 -8.02 4.38 11.14
N ILE A 303 -6.75 4.69 11.49
CA ILE A 303 -5.99 5.61 10.65
C ILE A 303 -5.71 4.99 9.28
N GLN A 304 -5.33 3.72 9.25
CA GLN A 304 -5.06 3.04 7.97
C GLN A 304 -6.26 3.06 7.05
N LYS A 305 -7.46 2.86 7.62
CA LYS A 305 -8.66 2.87 6.81
C LYS A 305 -9.08 4.24 6.33
N LEU A 306 -8.89 5.24 7.18
CA LEU A 306 -9.31 6.61 6.84
C LEU A 306 -8.41 7.32 5.84
N ALA A 307 -7.10 7.14 5.99
CA ALA A 307 -6.13 7.85 5.16
C ALA A 307 -5.84 7.10 3.87
N LYS A 308 -5.55 7.84 2.82
CA LYS A 308 -5.15 7.23 1.56
C LYS A 308 -3.88 6.39 1.77
N ALA A 309 -3.70 5.39 0.90
CA ALA A 309 -2.43 4.61 0.90
C ALA A 309 -1.90 4.65 -0.50
N ALA A 310 -1.19 5.73 -0.82
CA ALA A 310 -0.60 5.93 -2.14
C ALA A 310 0.67 5.08 -2.27
N VAL A 311 1.14 4.93 -3.51
CA VAL A 311 2.47 4.34 -3.79
C VAL A 311 3.32 5.27 -4.61
N TYR A 312 4.64 5.07 -4.58
CA TYR A 312 5.50 5.79 -5.51
C TYR A 312 5.18 5.45 -6.93
N GLU A 313 5.06 6.45 -7.78
CA GLU A 313 4.84 6.27 -9.20
C GLU A 313 6.16 6.13 -9.94
N GLN A 314 7.15 6.90 -9.50
CA GLN A 314 8.42 7.02 -10.25
C GLN A 314 9.53 6.22 -9.61
N HIS A 315 10.53 5.88 -10.41
CA HIS A 315 11.72 5.20 -9.90
C HIS A 315 11.45 3.91 -9.21
N ARG A 316 10.46 3.15 -9.71
CA ARG A 316 10.15 1.89 -9.04
C ARG A 316 11.09 0.77 -9.40
N GLU A 317 11.64 0.78 -10.62
CA GLU A 317 12.50 -0.34 -11.05
C GLU A 317 13.72 0.12 -11.81
N HIS B 20 -20.40 9.69 -4.24
CA HIS B 20 -21.32 8.95 -3.33
C HIS B 20 -20.83 7.51 -3.27
N MET B 21 -19.62 7.08 -4.24
CA MET B 21 -19.14 5.68 -4.18
C MET B 21 -18.32 5.45 -2.92
N LYS B 22 -18.82 4.61 -2.02
CA LYS B 22 -18.09 4.14 -0.83
C LYS B 22 -16.99 3.14 -1.17
N LYS B 23 -16.03 3.05 -0.26
CA LYS B 23 -14.89 2.13 -0.36
C LYS B 23 -14.78 1.21 0.87
N ARG B 24 -14.23 0.03 0.65
CA ARG B 24 -13.96 -0.94 1.74
C ARG B 24 -12.49 -1.33 1.63
N GLN B 25 -11.92 -1.74 2.75
CA GLN B 25 -10.54 -2.27 2.74
C GLN B 25 -10.53 -3.70 2.21
N LEU B 26 -9.61 -4.00 1.30
CA LEU B 26 -9.48 -5.37 0.77
C LEU B 26 -8.65 -6.23 1.73
N GLY B 27 -9.32 -7.07 2.52
CA GLY B 27 -8.59 -7.93 3.47
C GLY B 27 -7.78 -7.09 4.43
N THR B 28 -6.55 -7.51 4.72
CA THR B 28 -5.68 -6.69 5.60
C THR B 28 -4.76 -5.81 4.79
N SER B 29 -4.97 -5.71 3.47
CA SER B 29 -4.16 -4.87 2.63
C SER B 29 -4.49 -3.39 2.83
N ASP B 30 -3.73 -2.49 2.20
CA ASP B 30 -4.17 -1.08 2.25
C ASP B 30 -4.79 -0.66 0.95
N LEU B 31 -5.35 -1.63 0.21
CA LEU B 31 -6.15 -1.27 -0.98
C LEU B 31 -7.56 -0.89 -0.53
N HIS B 32 -7.97 0.33 -0.89
CA HIS B 32 -9.30 0.87 -0.52
C HIS B 32 -10.12 0.84 -1.79
N VAL B 33 -10.97 -0.20 -1.89
CA VAL B 33 -11.63 -0.52 -3.15
C VAL B 33 -13.08 -0.08 -3.16
N SER B 34 -13.51 0.47 -4.29
CA SER B 34 -14.91 0.87 -4.39
C SER B 34 -15.84 -0.32 -4.22
N GLU B 35 -16.97 -0.12 -3.53
CA GLU B 35 -17.90 -1.20 -3.25
C GLU B 35 -18.38 -1.84 -4.54
N LEU B 36 -18.63 -1.01 -5.55
CA LEU B 36 -18.77 -1.56 -6.90
C LEU B 36 -17.42 -1.47 -7.59
N GLY B 37 -16.89 -2.64 -7.95
CA GLY B 37 -15.71 -2.71 -8.82
C GLY B 37 -16.21 -2.94 -10.25
N PHE B 38 -15.30 -3.19 -11.17
CA PHE B 38 -15.65 -3.39 -12.56
C PHE B 38 -14.93 -4.62 -13.08
N GLY B 39 -15.70 -5.66 -13.41
CA GLY B 39 -15.14 -6.82 -14.12
C GLY B 39 -15.06 -6.46 -15.59
N CYS B 40 -13.89 -6.66 -16.18
CA CYS B 40 -13.64 -6.22 -17.54
C CYS B 40 -13.96 -7.25 -18.62
N MET B 41 -14.37 -8.45 -18.22
CA MET B 41 -14.43 -9.56 -19.16
C MET B 41 -15.42 -9.36 -20.31
N SER B 42 -16.47 -8.57 -20.10
CA SER B 42 -17.49 -8.42 -21.13
C SER B 42 -17.38 -7.13 -21.93
N LEU B 43 -16.22 -6.47 -21.90
CA LEU B 43 -16.03 -5.22 -22.65
C LEU B 43 -16.20 -5.42 -24.14
N GLY B 44 -15.93 -6.62 -24.64
CA GLY B 44 -15.97 -6.91 -26.09
C GLY B 44 -14.62 -6.74 -26.75
N THR B 45 -14.59 -6.96 -28.07
CA THR B 45 -13.34 -6.94 -28.81
C THR B 45 -13.19 -5.71 -29.68
N ASP B 46 -14.16 -4.78 -29.58
CA ASP B 46 -14.07 -3.49 -30.28
C ASP B 46 -13.43 -2.47 -29.35
N GLU B 47 -12.24 -1.99 -29.73
CA GLU B 47 -11.48 -1.06 -28.90
C GLU B 47 -12.25 0.21 -28.58
N THR B 48 -12.83 0.83 -29.59
CA THR B 48 -13.56 2.07 -29.34
C THR B 48 -14.66 1.93 -28.28
N LYS B 49 -15.50 0.91 -28.43
CA LYS B 49 -16.58 0.69 -27.48
C LYS B 49 -16.05 0.32 -26.09
N ALA B 50 -15.02 -0.53 -26.02
CA ALA B 50 -14.39 -0.90 -24.72
C ALA B 50 -13.90 0.35 -23.99
N ARG B 51 -13.26 1.28 -24.71
CA ARG B 51 -12.76 2.50 -24.08
C ARG B 51 -13.89 3.41 -23.64
N ARG B 52 -14.97 3.44 -24.43
CA ARG B 52 -16.16 4.23 -24.04
C ARG B 52 -16.74 3.74 -22.73
N ILE B 53 -16.83 2.42 -22.58
CA ILE B 53 -17.36 1.83 -21.36
C ILE B 53 -16.45 2.18 -20.18
N MET B 54 -15.16 1.98 -20.36
CA MET B 54 -14.21 2.26 -19.29
C MET B 54 -14.18 3.71 -18.88
N ASP B 55 -14.38 4.63 -19.84
CA ASP B 55 -14.49 6.05 -19.50
C ASP B 55 -15.62 6.27 -18.50
N GLU B 56 -16.76 5.62 -18.73
CA GLU B 56 -17.90 5.75 -17.84
C GLU B 56 -17.66 5.14 -16.47
N VAL B 57 -17.05 3.94 -16.46
CA VAL B 57 -16.67 3.27 -15.22
C VAL B 57 -15.87 4.28 -14.36
N LEU B 58 -14.86 4.90 -14.95
CA LEU B 58 -14.00 5.77 -14.15
C LEU B 58 -14.70 7.06 -13.76
N GLU B 59 -15.51 7.60 -14.68
CA GLU B 59 -16.24 8.84 -14.41
C GLU B 59 -17.17 8.68 -13.20
N LEU B 60 -17.74 7.51 -13.05
CA LEU B 60 -18.72 7.28 -11.98
C LEU B 60 -18.09 6.87 -10.65
N GLY B 61 -16.75 6.86 -10.59
CA GLY B 61 -16.09 6.66 -9.30
C GLY B 61 -15.72 5.23 -8.96
N ILE B 62 -15.87 4.30 -9.89
CA ILE B 62 -15.40 2.94 -9.66
C ILE B 62 -13.87 3.04 -9.73
N ASN B 63 -13.19 2.42 -8.74
CA ASN B 63 -11.70 2.51 -8.72
C ASN B 63 -11.00 1.17 -8.77
N TYR B 64 -11.77 0.10 -8.98
CA TYR B 64 -11.25 -1.26 -8.94
C TYR B 64 -11.61 -1.98 -10.22
N LEU B 65 -10.59 -2.41 -10.97
CA LEU B 65 -10.79 -3.07 -12.24
C LEU B 65 -10.20 -4.47 -12.22
N ASP B 66 -11.01 -5.45 -12.63
CA ASP B 66 -10.57 -6.84 -12.67
C ASP B 66 -10.48 -7.34 -14.10
N THR B 67 -9.28 -7.77 -14.50
CA THR B 67 -9.07 -8.35 -15.82
C THR B 67 -8.26 -9.66 -15.63
N ALA B 68 -7.77 -10.24 -16.73
CA ALA B 68 -6.94 -11.44 -16.68
C ALA B 68 -6.13 -11.49 -17.94
N ASP B 69 -4.93 -12.07 -17.90
CA ASP B 69 -4.15 -12.21 -19.12
C ASP B 69 -4.90 -13.06 -20.16
N LEU B 70 -5.67 -14.05 -19.69
CA LEU B 70 -6.29 -15.02 -20.59
C LEU B 70 -7.36 -14.38 -21.46
N TYR B 71 -8.02 -13.32 -20.98
CA TYR B 71 -9.24 -12.80 -21.63
C TYR B 71 -8.87 -12.26 -23.01
N ASN B 72 -9.47 -12.87 -24.03
CA ASN B 72 -9.15 -12.50 -25.41
C ASN B 72 -7.64 -12.57 -25.66
N GLN B 73 -6.95 -13.54 -25.03
CA GLN B 73 -5.48 -13.75 -25.23
C GLN B 73 -4.69 -12.44 -25.13
N GLY B 74 -4.97 -11.69 -24.05
CA GLY B 74 -4.22 -10.45 -23.75
C GLY B 74 -4.88 -9.19 -24.26
N LEU B 75 -5.88 -9.28 -25.14
CA LEU B 75 -6.49 -8.07 -25.70
C LEU B 75 -7.27 -7.29 -24.65
N ASN B 76 -7.94 -7.98 -23.72
CA ASN B 76 -8.61 -7.28 -22.65
C ASN B 76 -7.66 -6.43 -21.81
N GLU B 77 -6.52 -7.00 -21.41
CA GLU B 77 -5.50 -6.22 -20.69
C GLU B 77 -5.01 -5.06 -21.56
N GLN B 78 -4.82 -5.26 -22.88
CA GLN B 78 -4.40 -4.14 -23.73
C GLN B 78 -5.41 -2.99 -23.69
N PHE B 79 -6.71 -3.30 -23.77
CA PHE B 79 -7.71 -2.27 -23.72
C PHE B 79 -7.69 -1.53 -22.37
N VAL B 80 -7.58 -2.29 -21.28
CA VAL B 80 -7.48 -1.68 -19.94
C VAL B 80 -6.27 -0.76 -19.88
N GLY B 81 -5.15 -1.20 -20.42
CA GLY B 81 -3.94 -0.40 -20.37
C GLY B 81 -4.08 0.91 -21.14
N LYS B 82 -4.73 0.86 -22.29
CA LYS B 82 -5.01 2.11 -23.03
C LYS B 82 -5.97 3.01 -22.27
N ALA B 83 -6.99 2.43 -21.68
CA ALA B 83 -7.98 3.20 -20.93
C ALA B 83 -7.35 3.94 -19.76
N LEU B 84 -6.36 3.33 -19.12
CA LEU B 84 -5.75 3.89 -17.90
C LEU B 84 -4.53 4.77 -18.15
N LYS B 85 -4.08 4.85 -19.39
CA LYS B 85 -2.85 5.60 -19.69
C LYS B 85 -3.02 7.05 -19.26
N GLY B 86 -2.09 7.53 -18.45
CA GLY B 86 -2.14 8.89 -17.94
C GLY B 86 -3.01 9.08 -16.72
N ARG B 87 -3.69 8.03 -16.26
CA ARG B 87 -4.56 8.11 -15.10
C ARG B 87 -4.60 6.79 -14.31
N ARG B 88 -3.48 6.08 -14.28
CA ARG B 88 -3.44 4.74 -13.69
C ARG B 88 -3.20 4.80 -12.18
N GLN B 89 -2.57 5.85 -11.70
CA GLN B 89 -2.10 5.83 -10.33
C GLN B 89 -3.19 5.78 -9.27
N ASP B 90 -4.35 6.33 -9.54
CA ASP B 90 -5.36 6.25 -8.48
C ASP B 90 -6.39 5.12 -8.70
N ILE B 91 -6.05 4.19 -9.57
CA ILE B 91 -6.89 3.02 -9.85
C ILE B 91 -6.24 1.79 -9.23
N ILE B 92 -7.06 0.93 -8.64
CA ILE B 92 -6.62 -0.37 -8.11
C ILE B 92 -6.84 -1.37 -9.22
N LEU B 93 -5.73 -1.84 -9.79
CA LEU B 93 -5.74 -2.71 -10.94
C LEU B 93 -5.45 -4.14 -10.52
N ALA B 94 -6.37 -5.06 -10.87
CA ALA B 94 -6.23 -6.47 -10.55
C ALA B 94 -6.20 -7.26 -11.84
N THR B 95 -5.28 -8.20 -11.93
CA THR B 95 -5.27 -9.16 -13.05
C THR B 95 -4.96 -10.56 -12.53
N LYS B 96 -4.80 -11.53 -13.42
CA LYS B 96 -4.72 -12.93 -13.03
C LYS B 96 -3.71 -13.64 -13.91
N VAL B 97 -3.28 -14.78 -13.42
CA VAL B 97 -2.25 -15.58 -14.06
C VAL B 97 -2.45 -17.08 -13.78
N GLY B 98 -1.99 -17.93 -14.71
CA GLY B 98 -1.91 -19.37 -14.47
C GLY B 98 -2.51 -20.13 -15.62
N ASN B 99 -3.50 -19.55 -16.31
CA ASN B 99 -4.03 -20.20 -17.51
C ASN B 99 -3.13 -19.80 -18.68
N ARG B 100 -2.36 -20.78 -19.15
CA ARG B 100 -1.30 -20.56 -20.12
C ARG B 100 -1.86 -20.70 -21.53
N PHE B 101 -1.63 -19.73 -22.39
CA PHE B 101 -2.20 -19.68 -23.75
C PHE B 101 -1.12 -19.20 -24.72
N GLU B 102 -1.38 -19.43 -26.01
CA GLU B 102 -0.53 -18.94 -27.11
C GLU B 102 -1.40 -18.52 -28.29
N GLN B 103 -1.06 -17.42 -28.97
CA GLN B 103 -1.76 -17.09 -30.24
C GLN B 103 -1.56 -18.26 -31.25
N GLY B 104 -2.65 -18.86 -31.77
CA GLY B 104 -2.58 -20.02 -32.70
C GLY B 104 -2.90 -21.37 -32.08
N LYS B 105 -3.06 -21.39 -30.75
CA LYS B 105 -3.55 -22.54 -30.06
C LYS B 105 -4.87 -22.12 -29.45
N GLU B 106 -5.81 -23.04 -29.62
CA GLU B 106 -7.12 -22.98 -29.01
C GLU B 106 -6.89 -23.26 -27.55
N GLY B 107 -7.79 -22.75 -26.73
CA GLY B 107 -7.82 -23.14 -25.36
C GLY B 107 -6.61 -22.67 -24.55
N TRP B 108 -6.38 -23.41 -23.50
CA TRP B 108 -5.35 -23.04 -22.53
C TRP B 108 -5.11 -24.18 -21.60
N TRP B 109 -4.00 -24.12 -20.85
CA TRP B 109 -3.71 -25.18 -19.87
C TRP B 109 -3.20 -24.57 -18.59
N TRP B 110 -3.18 -25.33 -17.50
CA TRP B 110 -2.91 -24.77 -16.18
C TRP B 110 -1.45 -24.89 -15.82
N ASP B 111 -0.81 -23.75 -15.52
CA ASP B 111 0.59 -23.71 -15.14
C ASP B 111 0.76 -22.80 -13.93
N PRO B 112 0.74 -23.36 -12.72
CA PRO B 112 0.94 -22.58 -11.52
C PRO B 112 2.38 -22.50 -11.06
N SER B 113 3.33 -22.82 -11.95
CA SER B 113 4.74 -22.89 -11.52
C SER B 113 5.32 -21.50 -11.28
N LYS B 114 6.31 -21.42 -10.38
CA LYS B 114 6.96 -20.16 -10.06
C LYS B 114 7.60 -19.58 -11.31
N ALA B 115 8.29 -20.43 -12.10
CA ALA B 115 9.02 -19.91 -13.24
C ALA B 115 8.04 -19.30 -14.25
N TYR B 116 6.87 -19.93 -14.44
CA TYR B 116 5.88 -19.37 -15.37
C TYR B 116 5.32 -18.06 -14.84
N ILE B 117 4.83 -18.07 -13.60
CA ILE B 117 4.22 -16.84 -13.06
C ILE B 117 5.14 -15.62 -13.17
N LYS B 118 6.41 -15.80 -12.80
CA LYS B 118 7.33 -14.68 -12.75
C LYS B 118 7.69 -14.16 -14.15
N GLU B 119 7.54 -14.99 -15.18
CA GLU B 119 7.61 -14.51 -16.56
C GLU B 119 6.32 -13.91 -17.07
N ALA B 120 5.19 -14.57 -16.78
CA ALA B 120 3.91 -14.12 -17.32
C ALA B 120 3.58 -12.71 -16.87
N VAL B 121 3.96 -12.37 -15.64
CA VAL B 121 3.63 -11.03 -15.15
C VAL B 121 4.19 -9.92 -16.03
N LYS B 122 5.35 -10.20 -16.65
CA LYS B 122 5.96 -9.18 -17.47
C LYS B 122 5.10 -8.87 -18.69
N ASP B 123 4.46 -9.90 -19.22
CA ASP B 123 3.56 -9.72 -20.36
C ASP B 123 2.31 -8.92 -19.95
N SER B 124 1.75 -9.21 -18.76
CA SER B 124 0.63 -8.39 -18.26
C SER B 124 1.04 -6.94 -18.06
N LEU B 125 2.22 -6.69 -17.47
CA LEU B 125 2.69 -5.31 -17.27
C LEU B 125 2.82 -4.57 -18.62
N ARG B 126 3.36 -5.24 -19.63
CA ARG B 126 3.53 -4.62 -20.94
C ARG B 126 2.13 -4.27 -21.51
N ARG B 127 1.21 -5.23 -21.49
CA ARG B 127 -0.12 -4.98 -22.04
C ARG B 127 -0.85 -3.88 -21.26
N LEU B 128 -0.66 -3.87 -19.94
CA LEU B 128 -1.35 -2.90 -19.10
C LEU B 128 -0.65 -1.53 -19.05
N GLN B 129 0.51 -1.44 -19.75
CA GLN B 129 1.29 -0.21 -19.82
C GLN B 129 1.60 0.38 -18.45
N THR B 130 2.01 -0.47 -17.53
CA THR B 130 2.36 -0.02 -16.20
C THR B 130 3.48 -0.88 -15.65
N ASP B 131 4.12 -0.44 -14.58
CA ASP B 131 5.21 -1.23 -14.00
C ASP B 131 4.81 -1.93 -12.70
N TYR B 132 3.54 -1.78 -12.23
CA TYR B 132 3.16 -2.59 -11.09
C TYR B 132 1.68 -2.90 -11.22
N ILE B 133 1.31 -4.00 -10.57
CA ILE B 133 -0.12 -4.42 -10.48
C ILE B 133 -0.53 -4.32 -9.01
N ASP B 134 -1.72 -3.77 -8.71
CA ASP B 134 -2.12 -3.71 -7.32
C ASP B 134 -2.45 -5.06 -6.70
N LEU B 135 -3.21 -5.90 -7.43
CA LEU B 135 -3.58 -7.20 -6.92
C LEU B 135 -3.39 -8.20 -8.04
N TYR B 136 -2.50 -9.15 -7.82
CA TYR B 136 -2.20 -10.22 -8.80
C TYR B 136 -2.77 -11.52 -8.28
N GLN B 137 -3.62 -12.16 -9.08
CA GLN B 137 -4.43 -13.26 -8.59
C GLN B 137 -4.14 -14.57 -9.33
N LEU B 138 -4.01 -15.66 -8.59
CA LEU B 138 -3.95 -16.97 -9.21
C LEU B 138 -5.33 -17.28 -9.82
N HIS B 139 -5.34 -17.61 -11.12
CA HIS B 139 -6.59 -17.73 -11.88
C HIS B 139 -7.16 -19.16 -11.79
N GLY B 140 -7.44 -19.58 -10.55
CA GLY B 140 -7.87 -20.95 -10.28
C GLY B 140 -6.98 -21.49 -9.20
N GLY B 141 -6.58 -22.72 -9.38
CA GLY B 141 -5.75 -23.46 -8.40
C GLY B 141 -6.34 -24.84 -8.14
N THR B 142 -5.45 -25.77 -7.85
CA THR B 142 -5.83 -27.11 -7.39
C THR B 142 -4.96 -27.49 -6.23
N ILE B 143 -5.42 -28.43 -5.41
CA ILE B 143 -4.57 -28.88 -4.30
C ILE B 143 -3.41 -29.77 -4.77
N ASP B 144 -3.36 -30.05 -6.09
CA ASP B 144 -2.21 -30.77 -6.66
C ASP B 144 -1.09 -29.87 -7.12
N ASP B 145 -1.36 -28.57 -7.13
CA ASP B 145 -0.34 -27.56 -7.50
C ASP B 145 0.81 -27.64 -6.50
N PRO B 146 2.00 -27.16 -6.90
CA PRO B 146 3.12 -27.02 -5.97
C PRO B 146 2.89 -25.74 -5.15
N ILE B 147 1.98 -25.79 -4.19
CA ILE B 147 1.42 -24.59 -3.61
C ILE B 147 2.50 -23.75 -2.95
N ASP B 148 3.46 -24.36 -2.23
CA ASP B 148 4.50 -23.52 -1.62
C ASP B 148 5.30 -22.73 -2.67
N GLU B 149 5.52 -23.33 -3.85
CA GLU B 149 6.27 -22.70 -4.93
C GLU B 149 5.43 -21.59 -5.57
N THR B 150 4.13 -21.83 -5.78
CA THR B 150 3.29 -20.77 -6.32
C THR B 150 3.28 -19.58 -5.36
N ILE B 151 3.17 -19.85 -4.08
CA ILE B 151 3.21 -18.76 -3.07
C ILE B 151 4.53 -18.00 -3.14
N GLU B 152 5.65 -18.72 -3.25
CA GLU B 152 6.94 -18.05 -3.39
C GLU B 152 7.01 -17.15 -4.60
N ALA B 153 6.38 -17.52 -5.70
CA ALA B 153 6.36 -16.66 -6.87
C ALA B 153 5.72 -15.31 -6.54
N PHE B 154 4.52 -15.36 -5.93
CA PHE B 154 3.86 -14.12 -5.58
C PHE B 154 4.67 -13.33 -4.54
N GLU B 155 5.20 -14.02 -3.53
CA GLU B 155 5.96 -13.33 -2.47
C GLU B 155 7.18 -12.63 -3.07
N GLU B 156 7.84 -13.27 -4.02
CA GLU B 156 9.02 -12.67 -4.63
C GLU B 156 8.65 -11.46 -5.52
N LEU B 157 7.56 -11.54 -6.27
CA LEU B 157 7.08 -10.41 -7.06
C LEU B 157 6.70 -9.25 -6.15
N LYS B 158 6.12 -9.55 -5.00
CA LYS B 158 5.78 -8.51 -4.04
C LYS B 158 7.07 -7.86 -3.48
N GLN B 159 8.07 -8.67 -3.11
CA GLN B 159 9.39 -8.15 -2.61
C GLN B 159 10.04 -7.22 -3.65
N GLU B 160 9.87 -7.56 -4.91
CA GLU B 160 10.45 -6.81 -6.01
C GLU B 160 9.63 -5.55 -6.34
N GLY B 161 8.41 -5.41 -5.79
CA GLY B 161 7.55 -4.25 -6.13
C GLY B 161 6.80 -4.39 -7.44
N VAL B 162 6.83 -5.58 -8.06
CA VAL B 162 6.06 -5.78 -9.27
C VAL B 162 4.55 -5.84 -8.98
N ILE B 163 4.22 -6.39 -7.82
CA ILE B 163 2.83 -6.41 -7.35
C ILE B 163 2.79 -5.85 -5.93
N ARG B 164 1.64 -5.28 -5.54
CA ARG B 164 1.47 -4.84 -4.16
C ARG B 164 0.97 -5.99 -3.28
N TYR B 165 -0.03 -6.72 -3.78
CA TYR B 165 -0.64 -7.80 -3.00
C TYR B 165 -1.03 -8.91 -3.94
N TYR B 166 -1.33 -10.08 -3.38
CA TYR B 166 -1.82 -11.19 -4.20
C TYR B 166 -3.04 -11.82 -3.58
N GLY B 167 -3.77 -12.53 -4.43
CA GLY B 167 -5.00 -13.22 -4.04
C GLY B 167 -5.19 -14.44 -4.92
N ILE B 168 -6.32 -15.11 -4.75
CA ILE B 168 -6.67 -16.20 -5.66
C ILE B 168 -8.08 -15.97 -6.17
N SER B 169 -8.41 -16.58 -7.32
CA SER B 169 -9.79 -16.61 -7.81
C SER B 169 -10.15 -18.10 -7.83
N SER B 170 -10.93 -18.54 -6.84
CA SER B 170 -11.23 -19.97 -6.71
C SER B 170 -12.56 -20.12 -6.00
N ILE B 171 -13.30 -21.14 -6.41
CA ILE B 171 -14.47 -21.55 -5.64
C ILE B 171 -14.28 -22.99 -5.12
N ARG B 172 -13.02 -23.40 -4.93
CA ARG B 172 -12.72 -24.73 -4.38
C ARG B 172 -12.33 -24.56 -2.92
N PRO B 173 -13.17 -25.03 -1.98
CA PRO B 173 -12.78 -24.89 -0.60
C PRO B 173 -11.42 -25.50 -0.26
N ASN B 174 -11.03 -26.62 -0.90
CA ASN B 174 -9.76 -27.24 -0.53
C ASN B 174 -8.60 -26.30 -0.88
N VAL B 175 -8.68 -25.63 -2.01
CA VAL B 175 -7.62 -24.68 -2.39
C VAL B 175 -7.66 -23.47 -1.47
N ILE B 176 -8.86 -22.94 -1.22
CA ILE B 176 -9.00 -21.78 -0.33
C ILE B 176 -8.37 -22.10 1.03
N LYS B 177 -8.65 -23.29 1.58
CA LYS B 177 -8.15 -23.57 2.91
C LYS B 177 -6.61 -23.66 2.92
N GLU B 178 -6.02 -24.23 1.86
CA GLU B 178 -4.56 -24.28 1.80
C GLU B 178 -3.94 -22.89 1.73
N TYR B 179 -4.51 -22.02 0.89
CA TYR B 179 -3.97 -20.67 0.78
C TYR B 179 -4.17 -19.87 2.05
N LEU B 180 -5.31 -20.06 2.72
CA LEU B 180 -5.50 -19.32 3.99
C LEU B 180 -4.48 -19.76 5.04
N LYS B 181 -4.11 -21.04 5.02
CA LYS B 181 -3.14 -21.60 6.00
C LYS B 181 -1.71 -21.20 5.65
N ARG B 182 -1.37 -21.18 4.38
CA ARG B 182 0.06 -21.17 3.99
C ARG B 182 0.53 -19.90 3.32
N SER B 183 -0.38 -18.96 3.02
CA SER B 183 -0.01 -17.79 2.21
C SER B 183 -0.47 -16.51 2.88
N ASN B 184 -0.08 -15.41 2.24
CA ASN B 184 -0.54 -14.07 2.64
C ASN B 184 -1.49 -13.46 1.64
N ILE B 185 -2.34 -14.31 1.02
CA ILE B 185 -3.39 -13.72 0.19
C ILE B 185 -4.21 -12.73 0.98
N VAL B 186 -4.70 -11.69 0.29
CA VAL B 186 -5.59 -10.72 0.94
C VAL B 186 -7.03 -10.87 0.45
N SER B 187 -7.23 -11.66 -0.59
CA SER B 187 -8.56 -11.71 -1.22
C SER B 187 -8.77 -13.04 -1.93
N ILE B 188 -10.05 -13.39 -2.06
CA ILE B 188 -10.48 -14.55 -2.82
C ILE B 188 -11.64 -14.09 -3.70
N MET B 189 -11.48 -14.19 -5.03
CA MET B 189 -12.61 -13.90 -5.92
C MET B 189 -13.47 -15.16 -6.00
N MET B 190 -14.77 -15.00 -5.72
CA MET B 190 -15.70 -16.14 -5.75
C MET B 190 -16.96 -15.72 -6.46
N GLN B 191 -17.63 -16.62 -7.19
CA GLN B 191 -18.97 -16.32 -7.71
C GLN B 191 -19.92 -16.30 -6.55
N TYR B 192 -20.68 -15.23 -6.43
CA TYR B 192 -21.60 -15.11 -5.28
C TYR B 192 -22.76 -14.26 -5.71
N SER B 193 -23.96 -14.76 -5.45
CA SER B 193 -25.18 -13.98 -5.75
C SER B 193 -26.33 -14.57 -4.96
N ILE B 194 -27.50 -13.97 -5.07
CA ILE B 194 -28.71 -14.54 -4.50
C ILE B 194 -28.88 -15.99 -5.00
N LEU B 195 -28.49 -16.27 -6.26
CA LEU B 195 -28.69 -17.58 -6.87
C LEU B 195 -27.54 -18.55 -6.64
N ASP B 196 -26.41 -18.06 -6.11
CA ASP B 196 -25.25 -18.93 -5.79
C ASP B 196 -24.69 -18.52 -4.43
N ARG B 197 -25.27 -19.14 -3.40
CA ARG B 197 -24.92 -18.85 -2.02
C ARG B 197 -23.89 -19.80 -1.46
N ARG B 198 -23.29 -20.63 -2.32
CA ARG B 198 -22.30 -21.60 -1.84
C ARG B 198 -21.13 -20.95 -1.06
N PRO B 199 -20.68 -19.75 -1.46
CA PRO B 199 -19.58 -19.16 -0.66
C PRO B 199 -19.93 -18.90 0.80
N GLU B 200 -21.22 -18.70 1.13
CA GLU B 200 -21.57 -18.29 2.48
C GLU B 200 -21.02 -19.24 3.56
N GLU B 201 -20.96 -20.54 3.26
CA GLU B 201 -20.46 -21.53 4.19
C GLU B 201 -19.05 -21.21 4.67
N TRP B 202 -18.32 -20.54 3.78
CA TRP B 202 -16.87 -20.33 3.95
C TRP B 202 -16.53 -18.94 4.46
N PHE B 203 -17.52 -18.04 4.54
CA PHE B 203 -17.27 -16.70 5.04
C PHE B 203 -16.64 -16.67 6.45
N PRO B 204 -17.13 -17.51 7.40
CA PRO B 204 -16.52 -17.47 8.73
C PRO B 204 -15.03 -17.74 8.71
N LEU B 205 -14.61 -18.76 7.96
CA LEU B 205 -13.19 -19.09 7.89
C LEU B 205 -12.43 -17.95 7.21
N ILE B 206 -12.96 -17.45 6.10
CA ILE B 206 -12.25 -16.37 5.36
C ILE B 206 -12.10 -15.13 6.26
N GLN B 207 -13.16 -14.75 6.95
CA GLN B 207 -13.10 -13.61 7.84
C GLN B 207 -12.15 -13.82 9.02
N GLU B 208 -12.10 -15.05 9.54
CA GLU B 208 -11.22 -15.34 10.68
C GLU B 208 -9.79 -14.97 10.31
N HIS B 209 -9.46 -15.15 9.03
CA HIS B 209 -8.12 -14.92 8.51
C HIS B 209 -7.90 -13.47 8.07
N GLY B 210 -8.92 -12.63 8.22
CA GLY B 210 -8.83 -11.21 7.85
C GLY B 210 -8.79 -11.03 6.33
N VAL B 211 -9.23 -12.02 5.56
CA VAL B 211 -9.23 -11.96 4.08
C VAL B 211 -10.64 -11.50 3.61
N SER B 212 -10.72 -10.87 2.46
CA SER B 212 -11.98 -10.45 1.87
C SER B 212 -12.32 -11.28 0.64
N VAL B 213 -13.62 -11.28 0.29
CA VAL B 213 -14.08 -11.79 -0.98
C VAL B 213 -14.31 -10.66 -1.96
N VAL B 214 -13.90 -10.92 -3.20
CA VAL B 214 -14.26 -10.08 -4.35
C VAL B 214 -15.29 -10.91 -5.12
N VAL B 215 -16.46 -10.32 -5.36
CA VAL B 215 -17.54 -11.07 -5.95
C VAL B 215 -17.54 -11.01 -7.48
N ARG B 216 -17.62 -12.19 -8.09
CA ARG B 216 -17.99 -12.24 -9.51
C ARG B 216 -19.38 -12.87 -9.64
N GLY B 217 -19.96 -12.73 -10.81
CA GLY B 217 -21.32 -13.24 -11.04
C GLY B 217 -22.43 -12.66 -10.16
N PRO B 218 -22.33 -11.39 -9.69
CA PRO B 218 -23.34 -10.93 -8.71
C PRO B 218 -24.74 -10.78 -9.29
N VAL B 219 -24.87 -10.58 -10.60
CA VAL B 219 -26.22 -10.52 -11.22
C VAL B 219 -26.48 -11.81 -12.00
N ALA B 220 -25.67 -12.85 -11.74
CA ALA B 220 -25.80 -14.14 -12.44
C ALA B 220 -25.89 -13.84 -13.96
N ARG B 221 -25.04 -12.93 -14.44
CA ARG B 221 -24.92 -12.63 -15.88
C ARG B 221 -26.24 -12.19 -16.50
N GLY B 222 -27.11 -11.59 -15.69
CA GLY B 222 -28.37 -11.05 -16.19
C GLY B 222 -29.60 -11.76 -15.68
N LEU B 223 -29.45 -12.93 -15.05
CA LEU B 223 -30.61 -13.60 -14.45
C LEU B 223 -31.24 -12.79 -13.31
N LEU B 224 -30.46 -11.94 -12.63
CA LEU B 224 -30.98 -11.11 -11.58
C LEU B 224 -31.07 -9.68 -12.14
N SER B 225 -31.99 -9.46 -13.09
CA SER B 225 -32.17 -8.14 -13.71
C SER B 225 -33.53 -8.13 -14.41
N ARG B 226 -33.77 -7.08 -15.21
CA ARG B 226 -35.00 -6.96 -16.06
C ARG B 226 -35.10 -7.99 -17.13
N ARG B 227 -33.95 -8.48 -17.59
CA ARG B 227 -33.90 -9.39 -18.71
C ARG B 227 -34.72 -10.62 -18.43
N PRO B 228 -35.45 -11.09 -19.46
CA PRO B 228 -36.23 -12.30 -19.30
C PRO B 228 -35.38 -13.51 -18.91
N LEU B 229 -35.94 -14.36 -18.06
CA LEU B 229 -35.38 -15.69 -17.87
C LEU B 229 -35.59 -16.47 -19.16
N PRO B 230 -34.52 -17.04 -19.71
CA PRO B 230 -34.74 -17.92 -20.87
C PRO B 230 -35.66 -19.09 -20.50
N GLU B 231 -36.76 -19.30 -21.25
CA GLU B 231 -37.72 -20.38 -20.94
C GLU B 231 -37.00 -21.74 -20.97
N GLY B 232 -37.39 -22.62 -20.04
CA GLY B 232 -36.89 -24.00 -20.03
C GLY B 232 -35.54 -24.21 -19.36
N GLU B 233 -34.77 -23.14 -19.16
CA GLU B 233 -33.37 -23.25 -18.67
C GLU B 233 -33.25 -23.03 -17.17
N GLY B 234 -32.44 -23.87 -16.53
CA GLY B 234 -32.17 -23.69 -15.10
C GLY B 234 -30.89 -22.90 -14.90
N TYR B 235 -30.41 -22.96 -13.67
CA TYR B 235 -29.14 -22.32 -13.29
C TYR B 235 -28.69 -23.00 -12.02
N LEU B 236 -27.46 -23.55 -12.04
CA LEU B 236 -26.93 -24.27 -10.88
C LEU B 236 -27.99 -25.29 -10.41
N ASN B 237 -28.40 -25.24 -9.14
CA ASN B 237 -29.38 -26.23 -8.62
C ASN B 237 -30.83 -25.75 -8.69
N TYR B 238 -31.07 -24.71 -9.50
CA TYR B 238 -32.44 -24.24 -9.82
C TYR B 238 -32.93 -24.77 -11.15
N ARG B 239 -34.17 -25.28 -11.15
CA ARG B 239 -34.91 -25.52 -12.39
C ARG B 239 -35.50 -24.20 -12.89
N TYR B 240 -35.87 -24.12 -14.18
CA TYR B 240 -36.53 -22.93 -14.69
C TYR B 240 -37.70 -22.48 -13.78
N ASP B 241 -38.61 -23.42 -13.42
CA ASP B 241 -39.77 -23.02 -12.60
C ASP B 241 -39.39 -22.39 -11.27
N GLU B 242 -38.29 -22.85 -10.69
CA GLU B 242 -37.80 -22.31 -9.44
C GLU B 242 -37.18 -20.91 -9.61
N LEU B 243 -36.52 -20.66 -10.73
CA LEU B 243 -36.02 -19.30 -11.06
C LEU B 243 -37.18 -18.32 -11.23
N LYS B 244 -38.20 -18.77 -11.97
CA LYS B 244 -39.39 -17.96 -12.21
C LYS B 244 -40.05 -17.60 -10.88
N LEU B 245 -40.28 -18.61 -10.06
CA LEU B 245 -40.90 -18.44 -8.75
C LEU B 245 -40.10 -17.48 -7.88
N LEU B 246 -38.77 -17.63 -7.87
CA LEU B 246 -37.95 -16.76 -7.03
C LEU B 246 -38.02 -15.30 -7.49
N ARG B 247 -37.98 -15.07 -8.81
CA ARG B 247 -38.09 -13.71 -9.32
C ARG B 247 -39.37 -13.07 -8.88
N GLU B 248 -40.42 -13.86 -8.87
CA GLU B 248 -41.72 -13.32 -8.47
C GLU B 248 -41.87 -13.15 -6.97
N SER B 249 -41.17 -13.95 -6.16
CA SER B 249 -41.29 -13.92 -4.69
C SER B 249 -40.39 -12.91 -3.98
N LEU B 250 -39.31 -12.50 -4.63
CA LEU B 250 -38.38 -11.55 -4.02
C LEU B 250 -39.08 -10.21 -3.77
N PRO B 251 -38.56 -9.39 -2.80
CA PRO B 251 -39.11 -8.09 -2.44
C PRO B 251 -39.30 -7.26 -3.70
N THR B 252 -40.41 -6.54 -3.77
CA THR B 252 -40.71 -5.84 -5.01
C THR B 252 -40.51 -4.36 -4.88
N ASP B 253 -39.97 -3.92 -3.74
CA ASP B 253 -39.79 -2.49 -3.51
C ASP B 253 -38.42 -1.96 -3.97
N ARG B 254 -37.57 -2.83 -4.50
CA ARG B 254 -36.28 -2.46 -5.09
C ARG B 254 -36.19 -3.19 -6.42
N PRO B 255 -35.51 -2.62 -7.43
CA PRO B 255 -35.27 -3.35 -8.68
C PRO B 255 -34.47 -4.59 -8.40
N LEU B 256 -34.63 -5.62 -9.21
CA LEU B 256 -33.97 -6.89 -9.01
C LEU B 256 -32.44 -6.77 -8.99
N HIS B 257 -31.88 -6.02 -9.93
CA HIS B 257 -30.39 -5.93 -9.96
C HIS B 257 -29.86 -5.25 -8.70
N GLU B 258 -30.66 -4.34 -8.12
CA GLU B 258 -30.28 -3.68 -6.87
C GLU B 258 -30.41 -4.62 -5.68
N LEU B 259 -31.48 -5.43 -5.62
CA LEU B 259 -31.52 -6.49 -4.61
C LEU B 259 -30.29 -7.39 -4.71
N ALA B 260 -29.91 -7.74 -5.93
CA ALA B 260 -28.80 -8.65 -6.14
C ALA B 260 -27.49 -8.04 -5.61
N LEU B 261 -27.19 -6.84 -6.07
CA LEU B 261 -25.92 -6.19 -5.68
C LEU B 261 -25.89 -5.88 -4.20
N GLN B 262 -27.00 -5.34 -3.66
CA GLN B 262 -27.04 -5.04 -2.22
C GLN B 262 -26.99 -6.32 -1.35
N TYR B 263 -27.55 -7.42 -1.84
CA TYR B 263 -27.46 -8.67 -1.09
C TYR B 263 -25.97 -9.05 -0.94
N CYS B 264 -25.23 -9.00 -2.04
CA CYS B 264 -23.80 -9.34 -1.93
C CYS B 264 -23.12 -8.40 -0.90
N LEU B 265 -23.35 -7.10 -1.01
CA LEU B 265 -22.65 -6.15 -0.16
C LEU B 265 -23.06 -6.18 1.31
N ALA B 266 -24.19 -6.79 1.64
CA ALA B 266 -24.64 -6.92 3.02
C ALA B 266 -23.79 -7.82 3.90
N HIS B 267 -22.73 -8.36 3.36
CA HIS B 267 -21.83 -9.24 4.07
C HIS B 267 -20.48 -8.54 4.24
N ASP B 268 -20.00 -8.42 5.47
CA ASP B 268 -18.80 -7.66 5.77
C ASP B 268 -17.58 -8.24 5.09
N VAL B 269 -17.57 -9.54 4.82
CA VAL B 269 -16.42 -10.18 4.17
C VAL B 269 -16.23 -9.71 2.73
N VAL B 270 -17.31 -9.21 2.10
CA VAL B 270 -17.24 -8.75 0.73
C VAL B 270 -16.64 -7.32 0.69
N ALA B 271 -15.50 -7.18 0.01
CA ALA B 271 -14.90 -5.84 -0.12
C ALA B 271 -15.42 -5.13 -1.38
N THR B 272 -15.65 -5.86 -2.47
CA THR B 272 -16.04 -5.24 -3.71
C THR B 272 -16.78 -6.27 -4.53
N VAL B 273 -17.75 -5.78 -5.32
CA VAL B 273 -18.47 -6.58 -6.28
C VAL B 273 -18.00 -6.19 -7.66
N ALA B 274 -17.30 -7.10 -8.33
CA ALA B 274 -16.73 -6.83 -9.66
C ALA B 274 -17.75 -7.18 -10.75
N ALA B 275 -18.89 -6.48 -10.75
CA ALA B 275 -19.93 -6.78 -11.76
C ALA B 275 -19.39 -6.48 -13.15
N GLY B 276 -19.75 -7.32 -14.11
CA GLY B 276 -19.38 -7.04 -15.49
C GLY B 276 -20.38 -6.09 -16.16
N ALA B 277 -20.03 -5.62 -17.35
CA ALA B 277 -20.97 -4.87 -18.19
C ALA B 277 -20.49 -4.87 -19.60
N SER B 278 -21.46 -4.94 -20.53
CA SER B 278 -21.14 -4.81 -21.96
C SER B 278 -21.62 -3.47 -22.54
N SER B 279 -22.18 -2.60 -21.71
CA SER B 279 -22.69 -1.31 -22.17
C SER B 279 -22.57 -0.25 -21.07
N ILE B 280 -22.56 1.01 -21.49
CA ILE B 280 -22.63 2.12 -20.55
C ILE B 280 -23.88 2.12 -19.68
N ASP B 281 -25.03 1.72 -20.26
CA ASP B 281 -26.24 1.72 -19.46
C ASP B 281 -26.19 0.74 -18.29
N GLN B 282 -25.56 -0.42 -18.51
CA GLN B 282 -25.39 -1.40 -17.41
C GLN B 282 -24.51 -0.84 -16.31
N VAL B 283 -23.41 -0.19 -16.68
CA VAL B 283 -22.54 0.45 -15.67
C VAL B 283 -23.32 1.46 -14.87
N LYS B 284 -24.05 2.33 -15.57
CA LYS B 284 -24.82 3.36 -14.88
C LYS B 284 -25.85 2.73 -13.91
N ALA B 285 -26.51 1.67 -14.36
CA ALA B 285 -27.53 1.01 -13.53
C ALA B 285 -26.88 0.38 -12.29
N ASN B 286 -25.72 -0.19 -12.46
CA ASN B 286 -25.08 -0.89 -11.31
C ASN B 286 -24.53 0.08 -10.29
N VAL B 287 -24.03 1.22 -10.78
CA VAL B 287 -23.61 2.31 -9.90
C VAL B 287 -24.79 2.81 -9.09
N GLN B 288 -25.92 3.05 -9.77
CA GLN B 288 -27.13 3.50 -9.06
C GLN B 288 -27.52 2.49 -7.97
N ALA B 289 -27.48 1.23 -8.34
CA ALA B 289 -27.90 0.16 -7.44
C ALA B 289 -27.01 0.10 -6.20
N VAL B 290 -25.69 0.20 -6.38
CA VAL B 290 -24.76 0.11 -5.25
C VAL B 290 -24.85 1.35 -4.33
N GLU B 291 -25.18 2.50 -4.92
CA GLU B 291 -25.31 3.74 -4.17
C GLU B 291 -26.64 3.89 -3.44
N ALA B 292 -27.56 2.95 -3.66
CA ALA B 292 -28.82 2.92 -2.94
C ALA B 292 -28.59 2.52 -1.50
N THR B 293 -29.63 2.52 -0.69
CA THR B 293 -29.43 2.23 0.73
C THR B 293 -29.09 0.76 0.92
N PRO B 294 -28.24 0.44 1.92
CA PRO B 294 -27.96 -0.96 2.16
C PRO B 294 -29.19 -1.73 2.58
N LEU B 295 -29.15 -3.06 2.39
CA LEU B 295 -30.26 -3.88 2.88
C LEU B 295 -30.31 -3.77 4.38
N THR B 296 -31.51 -3.72 4.90
CA THR B 296 -31.63 -3.81 6.33
C THR B 296 -31.42 -5.29 6.70
N ALA B 297 -31.19 -5.59 7.98
CA ALA B 297 -31.17 -7.00 8.42
C ALA B 297 -32.44 -7.75 7.99
N GLU B 298 -33.58 -7.07 8.07
CA GLU B 298 -34.88 -7.63 7.69
C GLU B 298 -34.94 -8.04 6.21
N GLU B 299 -34.49 -7.15 5.31
CA GLU B 299 -34.50 -7.41 3.88
C GLU B 299 -33.58 -8.60 3.57
N ARG B 300 -32.40 -8.59 4.19
CA ARG B 300 -31.44 -9.69 3.99
C ARG B 300 -32.05 -11.01 4.41
N GLN B 301 -32.72 -11.02 5.57
CA GLN B 301 -33.38 -12.21 6.10
C GLN B 301 -34.46 -12.80 5.19
N HIS B 302 -35.26 -11.93 4.61
CA HIS B 302 -36.28 -12.34 3.67
C HIS B 302 -35.70 -12.99 2.42
N ILE B 303 -34.64 -12.41 1.88
CA ILE B 303 -33.98 -13.00 0.72
C ILE B 303 -33.39 -14.39 1.10
N GLN B 304 -32.75 -14.47 2.27
CA GLN B 304 -32.17 -15.74 2.73
C GLN B 304 -33.23 -16.83 2.81
N LYS B 305 -34.43 -16.47 3.27
CA LYS B 305 -35.47 -17.48 3.39
C LYS B 305 -36.00 -17.93 2.02
N LEU B 306 -36.12 -17.01 1.06
CA LEU B 306 -36.71 -17.35 -0.23
C LEU B 306 -35.77 -18.08 -1.16
N ALA B 307 -34.48 -17.71 -1.13
CA ALA B 307 -33.53 -18.32 -2.05
C ALA B 307 -32.96 -19.62 -1.50
N LYS B 308 -32.59 -20.53 -2.40
CA LYS B 308 -31.89 -21.75 -1.98
C LYS B 308 -30.58 -21.37 -1.29
N ALA B 309 -30.09 -22.29 -0.46
CA ALA B 309 -28.79 -22.08 0.19
C ALA B 309 -27.90 -23.26 -0.11
N ALA B 310 -27.36 -23.33 -1.31
CA ALA B 310 -26.58 -24.52 -1.72
C ALA B 310 -25.18 -24.48 -1.05
N VAL B 311 -24.52 -25.64 -1.06
CA VAL B 311 -23.09 -25.75 -0.69
C VAL B 311 -22.27 -26.33 -1.83
N TYR B 312 -20.97 -26.08 -1.82
CA TYR B 312 -20.06 -26.77 -2.73
C TYR B 312 -20.02 -28.24 -2.37
N GLU B 313 -20.31 -29.11 -3.34
CA GLU B 313 -20.29 -30.52 -3.12
C GLU B 313 -18.94 -31.13 -3.48
N GLN B 314 -18.24 -30.47 -4.39
CA GLN B 314 -16.97 -30.93 -4.94
C GLN B 314 -15.82 -30.10 -4.35
N HIS B 315 -14.61 -30.69 -4.32
CA HIS B 315 -13.35 -29.98 -3.96
C HIS B 315 -13.39 -29.45 -2.53
N ARG B 316 -14.05 -30.16 -1.61
CA ARG B 316 -14.23 -29.62 -0.27
C ARG B 316 -13.01 -29.81 0.63
N GLU B 317 -12.28 -30.88 0.39
CA GLU B 317 -11.15 -31.23 1.27
C GLU B 317 -9.99 -31.84 0.53
#